data_3LC5
#
_entry.id   3LC5
#
_cell.length_a   43.120
_cell.length_b   65.738
_cell.length_c   93.985
_cell.angle_alpha   90.000
_cell.angle_beta   90.000
_cell.angle_gamma   90.000
#
_symmetry.space_group_name_H-M   'P 21 21 21'
#
loop_
_entity.id
_entity.type
_entity.pdbx_description
1 polymer 'Coagulation factor IX'
2 polymer 'Coagulation factor IX'
3 non-polymer 'CALCIUM ION'
4 non-polymer 1-{4-[(R)-phenyl(3-phenyl-1,2,4-oxadiazol-5-yl)methoxy]-1-benzothiophen-2-yl}methanediamine
5 water water
#
loop_
_entity_poly.entity_id
_entity_poly.type
_entity_poly.pdbx_seq_one_letter_code
_entity_poly.pdbx_strand_id
1 'polypeptide(L)'
;VVGGEDAKPGQFPWQVVLNGKVDAFCGGSIVNEKWIVTAAHCVETGVKITVVAGEHNIEETEHTEQKRNVIRIIPHHNYN
AAINKYNHDIALLELDEPLVLNSYVTPICIADKEYTNIFLKFGSGYVSGWGRVFHKGRSALVLQYLRVPLVDRATCLRST
KFTIYNNMFCAGFHEGGRDSCQGDSGGPHVTEVEGTSFLTGIISWGEECAMKGKYGIYTKVSRYVNWIKEKTKLT
;
A
2 'polypeptide(L)' MTCNIKNGRCEQFCKNSADNKVVCSCTEGYRLAENQKSCEPAVPFPCGRVSVSQTSK B
#
loop_
_chem_comp.id
_chem_comp.type
_chem_comp.name
_chem_comp.formula
CA non-polymer 'CALCIUM ION' 'Ca 2'
IZX non-polymer 1-{4-[(R)-phenyl(3-phenyl-1,2,4-oxadiazol-5-yl)methoxy]-1-benzothiophen-2-yl}methanediamine 'C24 H20 N4 O2 S'
#
# COMPACT_ATOMS: atom_id res chain seq x y z
N VAL A 1 0.20 13.87 -4.02
CA VAL A 1 1.67 13.64 -4.03
C VAL A 1 2.43 14.85 -4.61
N VAL A 2 3.37 15.37 -3.82
CA VAL A 2 4.21 16.50 -4.25
C VAL A 2 5.42 15.95 -4.98
N GLY A 3 5.68 16.47 -6.18
CA GLY A 3 6.82 16.03 -6.99
C GLY A 3 6.66 14.63 -7.54
N GLY A 4 5.42 14.20 -7.77
CA GLY A 4 5.17 12.88 -8.30
C GLY A 4 5.30 12.83 -9.81
N GLU A 5 4.79 11.75 -10.39
CA GLU A 5 4.64 11.60 -11.83
C GLU A 5 3.23 11.08 -12.12
N ASP A 6 2.68 11.41 -13.29
CA ASP A 6 1.43 10.82 -13.74
C ASP A 6 1.57 9.30 -13.87
N ALA A 7 0.70 8.58 -13.17
CA ALA A 7 0.53 7.13 -13.36
C ALA A 7 -0.10 6.86 -14.73
N LYS A 8 0.24 5.71 -15.32
CA LYS A 8 -0.45 5.26 -16.52
C LYS A 8 -1.70 4.47 -16.11
N PRO A 9 -2.71 4.39 -17.01
CA PRO A 9 -3.87 3.58 -16.65
C PRO A 9 -3.43 2.15 -16.49
N GLY A 10 -3.84 1.53 -15.38
CA GLY A 10 -3.46 0.15 -15.08
C GLY A 10 -2.12 0.00 -14.36
N GLN A 11 -1.43 1.11 -14.11
CA GLN A 11 -0.08 1.06 -13.52
C GLN A 11 -0.10 0.70 -12.02
N PHE A 12 -1.17 1.11 -11.32
CA PHE A 12 -1.38 0.75 -9.91
C PHE A 12 -2.83 0.30 -9.66
N PRO A 13 -3.21 -0.87 -10.20
CA PRO A 13 -4.60 -1.35 -10.17
C PRO A 13 -5.11 -1.86 -8.82
N TRP A 14 -4.31 -1.69 -7.76
CA TRP A 14 -4.73 -1.93 -6.36
C TRP A 14 -5.14 -0.65 -5.66
N GLN A 15 -4.80 0.49 -6.26
CA GLN A 15 -5.14 1.80 -5.73
C GLN A 15 -6.64 2.03 -5.82
N VAL A 16 -7.22 2.57 -4.75
CA VAL A 16 -8.58 3.08 -4.79
C VAL A 16 -8.63 4.49 -4.21
N VAL A 17 -9.66 5.23 -4.60
CA VAL A 17 -9.93 6.53 -4.02
C VAL A 17 -11.17 6.42 -3.12
N LEU A 18 -11.22 7.24 -2.08
CA LEU A 18 -12.34 7.27 -1.13
C LEU A 18 -13.14 8.56 -1.26
N ASN A 19 -14.45 8.41 -1.41
CA ASN A 19 -15.35 9.56 -1.39
C ASN A 19 -16.14 9.53 -0.09
N GLY A 20 -16.31 10.71 0.51
CA GLY A 20 -17.12 10.87 1.72
C GLY A 20 -17.81 12.23 1.69
N LYS A 21 -17.58 13.03 2.73
CA LYS A 21 -18.08 14.42 2.80
C LYS A 21 -17.64 15.20 1.56
N VAL A 22 -16.40 15.01 1.14
CA VAL A 22 -15.89 15.50 -0.13
C VAL A 22 -15.31 14.30 -0.91
N ASP A 23 -15.24 14.42 -2.23
CA ASP A 23 -14.68 13.34 -3.05
C ASP A 23 -13.17 13.26 -2.83
N ALA A 24 -12.63 12.04 -2.77
CA ALA A 24 -11.19 11.81 -2.78
C ALA A 24 -10.45 12.43 -1.59
N PHE A 25 -11.02 12.27 -0.40
CA PHE A 25 -10.41 12.80 0.83
C PHE A 25 -9.26 11.90 1.29
N CYS A 26 -9.27 10.65 0.82
CA CYS A 26 -8.25 9.66 1.19
C CYS A 26 -8.06 8.61 0.10
N GLY A 27 -7.01 7.80 0.25
CA GLY A 27 -6.73 6.69 -0.64
C GLY A 27 -6.86 5.36 0.06
N GLY A 28 -6.62 4.29 -0.71
CA GLY A 28 -6.68 2.92 -0.19
C GLY A 28 -5.98 1.94 -1.10
N SER A 29 -5.88 0.69 -0.67
CA SER A 29 -5.33 -0.40 -1.46
C SER A 29 -6.32 -1.58 -1.37
N ILE A 30 -6.47 -2.32 -2.47
CA ILE A 30 -7.31 -3.53 -2.48
C ILE A 30 -6.57 -4.72 -1.85
N VAL A 31 -7.21 -5.34 -0.87
CA VAL A 31 -6.69 -6.56 -0.23
C VAL A 31 -7.25 -7.75 -1.00
N ASN A 32 -8.56 -7.75 -1.16
CA ASN A 32 -9.24 -8.67 -2.07
C ASN A 32 -10.54 -8.01 -2.57
N GLU A 33 -11.32 -8.75 -3.36
CA GLU A 33 -12.57 -8.25 -3.93
C GLU A 33 -13.58 -7.66 -2.93
N LYS A 34 -13.60 -8.19 -1.72
CA LYS A 34 -14.52 -7.70 -0.68
C LYS A 34 -13.89 -6.69 0.28
N TRP A 35 -12.57 -6.65 0.42
CA TRP A 35 -11.92 -5.75 1.39
C TRP A 35 -10.91 -4.72 0.84
N ILE A 36 -10.87 -3.56 1.51
CA ILE A 36 -9.94 -2.48 1.21
C ILE A 36 -9.20 -2.09 2.48
N VAL A 37 -7.88 -1.99 2.40
CA VAL A 37 -7.08 -1.49 3.51
C VAL A 37 -6.77 -0.01 3.25
N THR A 38 -6.94 0.82 4.27
CA THR A 38 -6.77 2.26 4.18
C THR A 38 -6.19 2.71 5.53
N ALA A 39 -6.17 4.02 5.78
CA ALA A 39 -5.70 4.55 7.07
C ALA A 39 -6.89 4.83 7.99
N ALA A 40 -6.70 4.59 9.29
CA ALA A 40 -7.79 4.69 10.27
C ALA A 40 -8.27 6.13 10.50
N HIS A 41 -7.36 7.10 10.44
CA HIS A 41 -7.75 8.49 10.64
C HIS A 41 -8.72 9.02 9.55
N CYS A 42 -8.71 8.38 8.37
CA CYS A 42 -9.68 8.66 7.30
C CYS A 42 -11.10 8.31 7.69
N VAL A 43 -11.26 7.44 8.67
CA VAL A 43 -12.59 7.05 9.17
C VAL A 43 -13.12 8.04 10.21
N GLU A 44 -14.05 8.88 9.78
CA GLU A 44 -14.82 9.75 10.67
C GLU A 44 -16.24 9.17 10.77
N THR A 45 -16.72 8.96 11.99
CA THR A 45 -18.04 8.35 12.20
C THR A 45 -19.13 9.23 11.58
N GLY A 46 -20.27 8.62 11.25
CA GLY A 46 -21.40 9.34 10.67
C GLY A 46 -21.28 9.48 9.17
N VAL A 47 -20.06 9.35 8.66
CA VAL A 47 -19.76 9.56 7.24
C VAL A 47 -19.91 8.25 6.49
N LYS A 48 -20.88 8.18 5.59
CA LYS A 48 -20.93 7.15 4.58
C LYS A 48 -19.71 7.39 3.67
N ILE A 49 -18.84 6.40 3.56
CA ILE A 49 -17.71 6.50 2.63
C ILE A 49 -17.91 5.55 1.45
N THR A 50 -17.70 6.08 0.25
CA THR A 50 -17.81 5.31 -0.98
C THR A 50 -16.42 5.03 -1.51
N VAL A 51 -16.17 3.79 -1.91
CA VAL A 51 -14.89 3.39 -2.50
C VAL A 51 -15.05 3.30 -4.02
N VAL A 52 -14.04 3.79 -4.74
CA VAL A 52 -14.01 3.73 -6.19
C VAL A 52 -12.69 3.11 -6.64
N ALA A 53 -12.77 1.97 -7.30
CA ALA A 53 -11.61 1.28 -7.84
C ALA A 53 -11.51 1.53 -9.35
N GLY A 54 -10.38 1.16 -9.96
CA GLY A 54 -10.18 1.35 -11.38
C GLY A 54 -10.27 2.80 -11.84
N GLU A 55 -9.79 3.69 -10.98
CA GLU A 55 -9.81 5.12 -11.24
C GLU A 55 -8.43 5.57 -11.70
N HIS A 56 -8.38 6.49 -12.66
CA HIS A 56 -7.13 7.05 -13.18
C HIS A 56 -7.24 8.57 -13.24
N ASN A 57 -8.28 9.05 -13.92
CA ASN A 57 -8.60 10.46 -13.94
C ASN A 57 -9.84 10.73 -13.09
N ILE A 58 -9.67 11.50 -12.02
CA ILE A 58 -10.72 11.68 -11.02
C ILE A 58 -11.92 12.50 -11.48
N GLU A 59 -11.85 13.13 -12.66
CA GLU A 59 -12.99 13.87 -13.20
C GLU A 59 -13.30 13.57 -14.67
N GLU A 60 -12.90 12.38 -15.12
CA GLU A 60 -13.28 11.89 -16.45
C GLU A 60 -13.81 10.47 -16.31
N THR A 61 -14.27 9.88 -17.41
CA THR A 61 -14.79 8.51 -17.40
C THR A 61 -13.92 7.54 -18.21
N GLU A 62 -13.16 6.72 -17.50
CA GLU A 62 -12.31 5.70 -18.13
C GLU A 62 -13.07 4.45 -18.56
N HIS A 63 -14.26 4.25 -17.98
CA HIS A 63 -15.03 3.00 -18.15
C HIS A 63 -14.25 1.77 -17.65
N THR A 64 -13.37 2.01 -16.67
CA THR A 64 -12.69 0.97 -15.92
C THR A 64 -13.02 1.08 -14.43
N GLU A 65 -13.88 2.02 -14.06
CA GLU A 65 -14.16 2.30 -12.66
C GLU A 65 -15.23 1.38 -12.09
N GLN A 66 -15.05 1.01 -10.83
CA GLN A 66 -16.01 0.24 -10.06
C GLN A 66 -16.21 0.90 -8.69
N LYS A 67 -17.44 1.33 -8.43
CA LYS A 67 -17.80 2.08 -7.24
C LYS A 67 -18.58 1.17 -6.30
N ARG A 68 -18.27 1.23 -5.01
CA ARG A 68 -18.89 0.37 -4.01
C ARG A 68 -19.16 1.14 -2.71
N ASN A 69 -20.08 0.62 -1.90
CA ASN A 69 -20.38 1.20 -0.59
C ASN A 69 -19.65 0.44 0.50
N VAL A 70 -19.28 1.14 1.57
CA VAL A 70 -18.62 0.50 2.70
C VAL A 70 -19.64 0.16 3.79
N ILE A 71 -19.93 -1.14 3.92
CA ILE A 71 -20.91 -1.63 4.87
C ILE A 71 -20.33 -1.84 6.27
N ARG A 72 -19.06 -2.20 6.35
CA ARG A 72 -18.40 -2.42 7.65
C ARG A 72 -16.99 -1.82 7.64
N ILE A 73 -16.63 -1.14 8.73
CA ILE A 73 -15.31 -0.48 8.88
C ILE A 73 -14.62 -0.94 10.16
N ILE A 74 -13.42 -1.50 10.02
CA ILE A 74 -12.69 -2.06 11.16
C ILE A 74 -11.36 -1.34 11.35
N PRO A 75 -11.36 -0.24 12.14
CA PRO A 75 -10.10 0.41 12.50
C PRO A 75 -9.34 -0.47 13.50
N HIS A 76 -8.01 -0.44 13.48
CA HIS A 76 -7.22 -1.34 14.32
C HIS A 76 -7.58 -1.12 15.79
N HIS A 77 -7.69 -2.21 16.55
CA HIS A 77 -8.16 -2.13 17.94
C HIS A 77 -7.30 -1.26 18.85
N ASN A 78 -6.00 -1.17 18.56
CA ASN A 78 -5.10 -0.29 19.30
C ASN A 78 -5.16 1.17 18.83
N TYR A 79 -5.68 1.42 17.63
CA TYR A 79 -5.84 2.79 17.15
C TYR A 79 -6.81 3.61 18.00
N ASN A 80 -6.33 4.77 18.47
CA ASN A 80 -7.16 5.69 19.24
C ASN A 80 -6.64 7.13 19.15
N ALA A 81 -7.32 7.97 18.38
CA ALA A 81 -6.84 9.32 18.06
C ALA A 81 -6.55 10.19 19.29
N ALA A 82 -7.32 10.00 20.36
CA ALA A 82 -7.16 10.79 21.58
C ALA A 82 -5.90 10.44 22.39
N ILE A 83 -5.26 9.31 22.10
CA ILE A 83 -4.00 8.93 22.76
C ILE A 83 -2.83 9.34 21.85
N ASN A 84 -2.92 8.95 20.58
CA ASN A 84 -2.02 9.42 19.54
C ASN A 84 -2.80 9.50 18.24
N LYS A 85 -2.49 10.50 17.43
CA LYS A 85 -3.30 10.83 16.27
C LYS A 85 -3.10 9.82 15.12
N TYR A 86 -1.91 9.23 15.05
CA TYR A 86 -1.50 8.43 13.89
C TYR A 86 -0.76 7.12 14.23
N ASN A 87 -0.86 6.66 15.46
CA ASN A 87 -0.31 5.35 15.87
C ASN A 87 -1.37 4.29 15.63
N HIS A 88 -0.95 3.18 15.01
CA HIS A 88 -1.86 2.12 14.52
C HIS A 88 -2.84 2.65 13.46
N ASP A 89 -2.34 3.54 12.60
CA ASP A 89 -3.17 4.18 11.58
C ASP A 89 -3.41 3.24 10.39
N ILE A 90 -4.27 2.24 10.61
CA ILE A 90 -4.66 1.27 9.59
C ILE A 90 -6.09 0.78 9.86
N ALA A 91 -6.84 0.54 8.78
CA ALA A 91 -8.24 0.20 8.88
C ALA A 91 -8.71 -0.60 7.68
N LEU A 92 -9.66 -1.49 7.91
CA LEU A 92 -10.22 -2.31 6.85
C LEU A 92 -11.63 -1.84 6.54
N LEU A 93 -11.93 -1.69 5.26
CA LEU A 93 -13.28 -1.33 4.81
C LEU A 93 -13.86 -2.53 4.07
N GLU A 94 -15.00 -3.01 4.53
CA GLU A 94 -15.68 -4.10 3.82
C GLU A 94 -16.66 -3.52 2.82
N LEU A 95 -16.60 -4.03 1.58
CA LEU A 95 -17.45 -3.55 0.50
C LEU A 95 -18.77 -4.33 0.48
N ASP A 96 -19.87 -3.65 0.17
CA ASP A 96 -21.18 -4.31 0.14
C ASP A 96 -21.16 -5.47 -0.85
N GLU A 97 -20.70 -5.19 -2.06
CA GLU A 97 -20.68 -6.14 -3.15
C GLU A 97 -19.22 -6.35 -3.58
N PRO A 98 -18.83 -7.62 -3.84
CA PRO A 98 -17.46 -7.86 -4.29
C PRO A 98 -17.11 -7.05 -5.52
N LEU A 99 -15.88 -6.56 -5.59
CA LEU A 99 -15.36 -6.00 -6.83
C LEU A 99 -15.18 -7.12 -7.83
N VAL A 100 -15.34 -6.80 -9.11
CA VAL A 100 -15.07 -7.74 -10.19
C VAL A 100 -13.66 -7.43 -10.67
N LEU A 101 -12.76 -8.41 -10.58
CA LEU A 101 -11.34 -8.19 -10.82
C LEU A 101 -10.93 -8.25 -12.29
N ASN A 102 -10.03 -7.35 -12.66
CA ASN A 102 -9.48 -7.24 -14.02
C ASN A 102 -8.17 -6.45 -13.98
N SER A 103 -7.58 -6.21 -15.15
CA SER A 103 -6.30 -5.49 -15.22
C SER A 103 -6.29 -4.10 -14.56
N TYR A 104 -7.46 -3.50 -14.40
CA TYR A 104 -7.59 -2.20 -13.73
C TYR A 104 -7.97 -2.33 -12.24
N VAL A 105 -8.57 -3.46 -11.87
CA VAL A 105 -8.95 -3.73 -10.47
C VAL A 105 -8.30 -5.03 -9.99
N THR A 106 -7.09 -4.91 -9.43
CA THR A 106 -6.28 -6.07 -9.02
C THR A 106 -5.74 -5.86 -7.60
N PRO A 107 -5.81 -6.89 -6.74
CA PRO A 107 -5.32 -6.71 -5.37
C PRO A 107 -3.81 -6.41 -5.23
N ILE A 108 -3.41 -5.87 -4.09
CA ILE A 108 -2.01 -5.80 -3.72
C ILE A 108 -1.67 -7.06 -2.94
N CYS A 109 -0.47 -7.60 -3.15
CA CYS A 109 -0.05 -8.78 -2.43
C CYS A 109 0.37 -8.38 -1.03
N ILE A 110 0.15 -9.28 -0.07
CA ILE A 110 0.62 -9.11 1.30
C ILE A 110 1.37 -10.36 1.77
N ALA A 111 2.69 -10.25 1.93
CA ALA A 111 3.50 -11.34 2.46
C ALA A 111 3.22 -11.59 3.95
N ASP A 112 4.01 -12.46 4.58
CA ASP A 112 3.93 -12.64 6.03
C ASP A 112 4.65 -11.49 6.75
N LYS A 113 4.68 -11.54 8.08
CA LYS A 113 5.33 -10.50 8.88
C LYS A 113 6.79 -10.34 8.46
N GLU A 114 7.48 -11.47 8.31
CA GLU A 114 8.91 -11.48 8.01
C GLU A 114 9.26 -10.89 6.64
N TYR A 115 8.65 -11.43 5.59
CA TYR A 115 8.95 -11.00 4.23
C TYR A 115 8.47 -9.58 3.92
N THR A 116 7.46 -9.11 4.64
CA THR A 116 7.02 -7.72 4.51
C THR A 116 8.10 -6.78 5.02
N ASN A 117 8.75 -7.16 6.11
CA ASN A 117 9.89 -6.43 6.64
C ASN A 117 11.09 -6.47 5.68
N ILE A 118 11.46 -7.67 5.25
CA ILE A 118 12.51 -7.85 4.24
C ILE A 118 12.25 -6.95 3.03
N PHE A 119 11.04 -7.04 2.48
CA PHE A 119 10.68 -6.23 1.31
C PHE A 119 10.74 -4.72 1.62
N LEU A 120 10.39 -4.34 2.85
CA LEU A 120 10.53 -2.95 3.27
C LEU A 120 12.01 -2.54 3.20
N LYS A 121 12.88 -3.43 3.70
CA LYS A 121 14.31 -3.15 3.74
C LYS A 121 14.99 -3.06 2.37
N PHE A 122 14.31 -3.47 1.29
CA PHE A 122 14.83 -3.28 -0.08
C PHE A 122 15.21 -1.81 -0.29
N GLY A 123 14.52 -0.92 0.43
CA GLY A 123 14.96 0.46 0.59
C GLY A 123 14.17 1.45 -0.24
N SER A 124 13.25 0.96 -1.05
CA SER A 124 12.54 1.79 -2.03
C SER A 124 11.14 1.24 -2.31
N GLY A 125 10.13 2.10 -2.15
CA GLY A 125 8.74 1.73 -2.42
C GLY A 125 7.99 2.81 -3.18
N TYR A 126 6.97 2.40 -3.94
CA TYR A 126 6.18 3.34 -4.73
C TYR A 126 4.98 3.77 -3.90
N VAL A 127 4.86 5.08 -3.75
CA VAL A 127 3.76 5.71 -3.03
C VAL A 127 2.85 6.35 -4.09
N SER A 128 1.54 6.35 -3.85
CA SER A 128 0.59 6.89 -4.82
C SER A 128 -0.69 7.45 -4.20
N GLY A 129 -1.34 8.35 -4.94
CA GLY A 129 -2.60 8.96 -4.53
C GLY A 129 -3.02 10.17 -5.34
N TRP A 130 -4.24 10.65 -5.09
CA TRP A 130 -4.77 11.86 -5.71
C TRP A 130 -4.71 13.08 -4.78
N GLY A 131 -3.87 13.02 -3.76
CA GLY A 131 -3.74 14.13 -2.81
C GLY A 131 -3.09 15.34 -3.42
N ARG A 132 -2.84 16.36 -2.58
CA ARG A 132 -2.27 17.62 -3.05
C ARG A 132 -0.96 17.45 -3.80
N VAL A 133 -0.78 18.28 -4.82
CA VAL A 133 0.42 18.26 -5.67
C VAL A 133 1.35 19.44 -5.37
N PHE A 134 0.84 20.44 -4.64
CA PHE A 134 1.64 21.53 -4.11
C PHE A 134 1.36 21.68 -2.61
N HIS A 135 2.35 22.15 -1.86
CA HIS A 135 2.25 22.25 -0.39
C HIS A 135 0.92 22.86 0.08
N LYS A 136 0.44 23.83 -0.53
CA LYS A 136 -0.91 24.34 -0.32
C LYS A 136 -1.46 24.93 -1.61
N GLY A 137 -2.18 24.12 -2.37
CA GLY A 137 -2.69 24.55 -3.68
C GLY A 137 -3.96 23.86 -4.12
N ARG A 138 -3.79 22.59 -4.66
CA ARG A 138 -4.92 21.93 -5.32
C ARG A 138 -4.68 20.43 -5.40
N SER A 139 -5.78 19.65 -5.35
CA SER A 139 -5.73 18.18 -5.45
C SER A 139 -5.60 17.71 -6.90
N ALA A 140 -5.32 16.43 -7.09
CA ALA A 140 -4.86 15.91 -8.38
C ALA A 140 -5.97 15.29 -9.23
N LEU A 141 -5.93 15.55 -10.54
CA LEU A 141 -6.86 14.94 -11.49
C LEU A 141 -6.39 13.53 -11.84
N VAL A 142 -5.15 13.42 -12.31
CA VAL A 142 -4.54 12.13 -12.64
C VAL A 142 -3.81 11.53 -11.44
N LEU A 143 -3.85 10.21 -11.32
CA LEU A 143 -3.17 9.53 -10.23
C LEU A 143 -1.67 9.82 -10.26
N GLN A 144 -1.15 10.38 -9.16
CA GLN A 144 0.27 10.64 -9.03
C GLN A 144 0.97 9.46 -8.36
N TYR A 145 2.26 9.30 -8.65
CA TYR A 145 3.07 8.34 -7.93
C TYR A 145 4.50 8.83 -7.74
N LEU A 146 5.18 8.22 -6.77
CA LEU A 146 6.52 8.60 -6.39
C LEU A 146 7.20 7.39 -5.74
N ARG A 147 8.47 7.19 -6.08
CA ARG A 147 9.29 6.12 -5.54
C ARG A 147 10.17 6.70 -4.42
N VAL A 148 9.84 6.36 -3.18
CA VAL A 148 10.47 6.99 -2.00
C VAL A 148 11.48 6.05 -1.33
N PRO A 149 12.65 6.57 -0.93
CA PRO A 149 13.63 5.75 -0.27
C PRO A 149 13.36 5.61 1.23
N LEU A 150 13.62 4.42 1.77
CA LEU A 150 13.52 4.21 3.20
C LEU A 150 14.52 5.12 3.92
N VAL A 151 14.04 5.87 4.89
CA VAL A 151 14.90 6.66 5.74
C VAL A 151 15.19 5.83 6.98
N ASP A 152 16.44 5.94 7.46
CA ASP A 152 16.91 5.23 8.64
C ASP A 152 16.17 5.70 9.90
N ARG A 153 16.04 4.81 10.90
CA ARG A 153 15.26 5.09 12.11
C ARG A 153 15.88 6.17 13.00
N ALA A 154 17.16 6.02 13.30
CA ALA A 154 17.86 7.02 14.09
C ALA A 154 17.78 8.39 13.38
N THR A 155 18.01 8.38 12.07
CA THR A 155 17.90 9.59 11.24
C THR A 155 16.52 10.20 11.34
N CYS A 156 15.51 9.34 11.38
CA CYS A 156 14.13 9.81 11.43
C CYS A 156 13.75 10.39 12.79
N LEU A 157 14.21 9.77 13.88
CA LEU A 157 13.95 10.31 15.21
C LEU A 157 14.53 11.72 15.35
N ARG A 158 15.72 11.94 14.79
CA ARG A 158 16.37 13.27 14.80
C ARG A 158 15.54 14.36 14.09
N SER A 159 14.77 13.96 13.08
CA SER A 159 14.03 14.89 12.23
C SER A 159 12.84 15.57 12.91
N THR A 160 12.31 14.97 13.98
CA THR A 160 11.01 15.37 14.52
C THR A 160 11.02 15.58 16.03
N LYS A 161 10.20 16.51 16.50
CA LYS A 161 9.92 16.67 17.93
C LYS A 161 8.74 15.77 18.32
N PHE A 162 8.04 15.25 17.32
CA PHE A 162 6.91 14.34 17.54
C PHE A 162 7.40 12.91 17.71
N THR A 163 6.48 12.04 18.10
CA THR A 163 6.81 10.68 18.49
C THR A 163 6.57 9.71 17.34
N ILE A 164 7.66 9.14 16.84
CA ILE A 164 7.63 8.07 15.85
C ILE A 164 7.66 6.76 16.62
N TYR A 165 6.60 5.96 16.49
CA TYR A 165 6.48 4.71 17.24
C TYR A 165 7.11 3.55 16.46
N ASN A 166 7.23 2.39 17.09
CA ASN A 166 7.72 1.19 16.40
C ASN A 166 6.73 0.67 15.34
N ASN A 167 5.49 1.13 15.40
CA ASN A 167 4.47 0.85 14.38
C ASN A 167 4.56 1.74 13.14
N MET A 168 5.61 2.56 13.08
CA MET A 168 5.80 3.50 11.99
C MET A 168 7.17 3.34 11.34
N PHE A 169 7.26 3.71 10.06
CA PHE A 169 8.56 3.96 9.47
C PHE A 169 8.53 5.29 8.72
N CYS A 170 9.69 5.73 8.25
CA CYS A 170 9.82 6.99 7.54
C CYS A 170 10.41 6.76 6.17
N ALA A 171 9.93 7.52 5.19
CA ALA A 171 10.46 7.47 3.84
C ALA A 171 10.43 8.86 3.23
N GLY A 172 11.38 9.13 2.35
CA GLY A 172 11.47 10.43 1.70
C GLY A 172 12.90 10.82 1.43
N PHE A 173 13.08 12.05 0.95
CA PHE A 173 14.40 12.55 0.56
C PHE A 173 14.85 13.57 1.59
N HIS A 174 16.14 13.57 1.89
CA HIS A 174 16.66 14.45 2.93
C HIS A 174 16.43 15.91 2.56
N GLU A 175 16.65 16.26 1.28
CA GLU A 175 16.57 17.65 0.85
C GLU A 175 15.22 18.03 0.21
N GLY A 176 14.14 17.41 0.69
CA GLY A 176 12.77 17.79 0.33
C GLY A 176 12.44 17.73 -1.14
N GLY A 177 11.40 18.47 -1.54
CA GLY A 177 11.00 18.60 -2.93
C GLY A 177 9.95 17.62 -3.38
N ARG A 178 10.05 16.37 -2.90
CA ARG A 178 9.19 15.29 -3.35
C ARG A 178 8.69 14.43 -2.20
N ASP A 179 7.37 14.28 -2.10
CA ASP A 179 6.79 13.63 -0.94
C ASP A 179 5.35 13.23 -1.18
N SER A 180 4.80 12.39 -0.31
CA SER A 180 3.37 12.19 -0.23
C SER A 180 2.76 13.43 0.43
N CYS A 181 1.44 13.56 0.42
CA CYS A 181 0.82 14.75 1.00
C CYS A 181 -0.64 14.57 1.43
N GLN A 182 -1.23 15.65 1.93
CA GLN A 182 -2.62 15.62 2.42
C GLN A 182 -3.55 15.17 1.30
N GLY A 183 -4.42 14.21 1.61
CA GLY A 183 -5.30 13.59 0.62
C GLY A 183 -4.79 12.24 0.14
N ASP A 184 -3.49 12.00 0.24
CA ASP A 184 -2.90 10.71 -0.12
C ASP A 184 -3.08 9.65 0.98
N SER A 185 -3.36 10.11 2.20
CA SER A 185 -3.53 9.24 3.39
C SER A 185 -4.33 7.97 3.12
N GLY A 186 -3.80 6.84 3.58
CA GLY A 186 -4.47 5.55 3.41
C GLY A 186 -4.08 4.85 2.13
N GLY A 187 -3.42 5.56 1.22
CA GLY A 187 -2.90 4.97 -0.01
C GLY A 187 -1.75 4.05 0.33
N PRO A 188 -1.37 3.19 -0.63
CA PRO A 188 -0.37 2.18 -0.36
C PRO A 188 1.05 2.68 -0.50
N HIS A 189 1.93 2.13 0.34
CA HIS A 189 3.36 2.11 0.10
C HIS A 189 3.63 0.66 -0.30
N VAL A 190 4.02 0.45 -1.55
CA VAL A 190 4.27 -0.89 -2.03
C VAL A 190 5.74 -1.07 -2.35
N THR A 191 6.21 -2.30 -2.26
CA THR A 191 7.53 -2.68 -2.72
C THR A 191 7.43 -3.72 -3.83
N GLU A 192 8.03 -3.42 -4.97
CA GLU A 192 7.99 -4.29 -6.14
C GLU A 192 9.13 -5.31 -6.06
N VAL A 193 8.80 -6.57 -6.35
CA VAL A 193 9.73 -7.70 -6.24
C VAL A 193 9.63 -8.62 -7.47
N GLU A 194 10.54 -8.43 -8.43
CA GLU A 194 10.57 -9.20 -9.67
C GLU A 194 9.24 -9.14 -10.42
N GLY A 195 8.70 -7.93 -10.55
CA GLY A 195 7.41 -7.73 -11.23
C GLY A 195 6.19 -7.74 -10.33
N THR A 196 6.31 -8.26 -9.11
CA THR A 196 5.17 -8.34 -8.19
C THR A 196 5.30 -7.37 -7.03
N SER A 197 4.34 -6.44 -6.93
CA SER A 197 4.32 -5.45 -5.86
C SER A 197 3.68 -6.02 -4.59
N PHE A 198 4.27 -5.67 -3.44
CA PHE A 198 3.81 -6.12 -2.12
C PHE A 198 3.57 -4.92 -1.21
N LEU A 199 2.46 -4.94 -0.47
CA LEU A 199 2.12 -3.84 0.43
C LEU A 199 3.08 -3.85 1.63
N THR A 200 3.85 -2.76 1.75
CA THR A 200 4.82 -2.60 2.84
C THR A 200 4.46 -1.50 3.83
N GLY A 201 3.52 -0.63 3.45
CA GLY A 201 3.12 0.47 4.31
C GLY A 201 1.81 1.10 3.91
N ILE A 202 1.25 1.89 4.84
CA ILE A 202 0.12 2.78 4.58
C ILE A 202 0.62 4.22 4.71
N ILE A 203 0.23 5.09 3.78
CA ILE A 203 0.52 6.53 3.90
C ILE A 203 -0.30 7.05 5.09
N SER A 204 0.36 7.75 6.01
CA SER A 204 -0.25 8.10 7.31
C SER A 204 -0.19 9.59 7.68
N TRP A 205 1.02 10.13 7.86
CA TRP A 205 1.16 11.55 8.23
C TRP A 205 2.55 12.11 7.92
N GLY A 206 2.76 13.37 8.28
CA GLY A 206 4.06 14.00 8.14
C GLY A 206 3.97 15.47 8.52
N GLU A 207 5.11 16.06 8.88
CA GLU A 207 5.15 17.46 9.28
C GLU A 207 5.40 18.30 8.03
N GLU A 208 4.33 18.92 7.53
CA GLU A 208 4.36 19.69 6.28
C GLU A 208 4.65 18.72 5.11
N CYS A 209 4.83 19.26 3.89
CA CYS A 209 4.99 18.40 2.70
C CYS A 209 6.23 18.79 1.89
N ALA A 210 7.01 17.77 1.52
CA ALA A 210 8.19 17.94 0.66
C ALA A 210 9.23 18.92 1.20
N MET A 211 9.20 19.19 2.49
CA MET A 211 10.08 20.17 3.12
C MET A 211 11.37 19.46 3.54
N LYS A 212 12.50 20.15 3.45
CA LYS A 212 13.79 19.55 3.82
C LYS A 212 13.83 19.20 5.31
N GLY A 213 14.41 18.05 5.62
CA GLY A 213 14.54 17.57 6.99
C GLY A 213 13.32 16.85 7.51
N LYS A 214 12.22 16.89 6.75
CA LYS A 214 10.94 16.32 7.16
C LYS A 214 10.59 15.16 6.25
N TYR A 215 10.36 14.00 6.85
CA TYR A 215 10.08 12.78 6.09
C TYR A 215 8.63 12.34 6.25
N GLY A 216 8.13 11.61 5.26
CA GLY A 216 6.81 11.01 5.36
C GLY A 216 6.85 9.90 6.38
N ILE A 217 5.75 9.72 7.11
CA ILE A 217 5.65 8.67 8.13
C ILE A 217 4.55 7.67 7.75
N TYR A 218 4.94 6.42 7.52
CA TYR A 218 4.03 5.40 7.00
C TYR A 218 3.79 4.32 8.06
N THR A 219 2.57 3.77 8.06
CA THR A 219 2.24 2.66 8.95
C THR A 219 3.04 1.44 8.53
N LYS A 220 3.75 0.83 9.47
CA LYS A 220 4.53 -0.38 9.17
C LYS A 220 3.59 -1.58 9.06
N VAL A 221 3.21 -1.89 7.82
CA VAL A 221 2.23 -2.95 7.57
C VAL A 221 2.67 -4.33 8.11
N SER A 222 3.97 -4.62 8.09
CA SER A 222 4.47 -5.91 8.58
C SER A 222 3.96 -6.21 9.98
N ARG A 223 3.83 -5.18 10.81
CA ARG A 223 3.32 -5.34 12.17
C ARG A 223 1.80 -5.65 12.23
N TYR A 224 1.11 -5.49 11.10
CA TYR A 224 -0.33 -5.70 11.02
C TYR A 224 -0.75 -6.76 10.00
N VAL A 225 0.22 -7.49 9.47
CA VAL A 225 -0.01 -8.51 8.44
C VAL A 225 -0.97 -9.62 8.91
N ASN A 226 -0.71 -10.13 10.11
CA ASN A 226 -1.53 -11.21 10.69
C ASN A 226 -2.99 -10.79 10.90
N TRP A 227 -3.18 -9.53 11.29
CA TRP A 227 -4.49 -8.94 11.51
C TRP A 227 -5.27 -8.83 10.18
N ILE A 228 -4.62 -8.22 9.18
CA ILE A 228 -5.22 -8.05 7.87
C ILE A 228 -5.73 -9.38 7.34
N LYS A 229 -4.90 -10.42 7.46
CA LYS A 229 -5.24 -11.76 6.96
C LYS A 229 -6.33 -12.45 7.79
N GLU A 230 -6.37 -12.20 9.09
CA GLU A 230 -7.43 -12.75 9.93
C GLU A 230 -8.76 -12.15 9.49
N LYS A 231 -8.82 -10.82 9.46
CA LYS A 231 -10.07 -10.09 9.21
C LYS A 231 -10.60 -10.16 7.77
N THR A 232 -9.72 -10.24 6.76
CA THR A 232 -10.14 -10.17 5.35
C THR A 232 -10.40 -11.52 4.65
N LYS A 233 -10.49 -12.60 5.42
CA LYS A 233 -10.72 -13.95 4.87
C LYS A 233 -11.96 -14.06 3.98
N LEU A 234 -11.84 -14.83 2.90
CA LEU A 234 -12.93 -15.07 1.98
C LEU A 234 -13.46 -16.49 2.16
N THR A 235 -14.73 -16.70 1.82
CA THR A 235 -15.36 -18.02 1.82
C THR A 235 -16.32 -18.17 0.64
N MET B 1 23.43 -25.16 -1.00
CA MET B 1 22.36 -24.14 -1.30
C MET B 1 21.41 -23.94 -0.11
N THR B 2 21.30 -22.69 0.34
CA THR B 2 20.43 -22.29 1.46
C THR B 2 19.66 -21.01 1.12
N CYS B 3 18.75 -20.60 2.00
CA CYS B 3 18.01 -19.34 1.85
C CYS B 3 18.86 -18.12 2.21
N ASN B 4 20.04 -18.35 2.78
CA ASN B 4 20.99 -17.29 3.13
C ASN B 4 21.42 -16.44 1.93
N ILE B 5 21.74 -17.08 0.81
CA ILE B 5 22.33 -16.38 -0.34
C ILE B 5 21.32 -16.22 -1.49
N LYS B 6 21.11 -14.96 -1.91
CA LYS B 6 20.20 -14.66 -3.02
C LYS B 6 18.78 -15.25 -2.83
N ASN B 7 18.30 -15.28 -1.59
CA ASN B 7 17.00 -15.87 -1.22
C ASN B 7 16.79 -17.29 -1.78
N GLY B 8 17.85 -18.09 -1.79
CA GLY B 8 17.82 -19.42 -2.40
C GLY B 8 17.51 -19.39 -3.89
N ARG B 9 17.74 -18.24 -4.53
CA ARG B 9 17.25 -17.92 -5.88
C ARG B 9 15.71 -18.01 -6.03
N CYS B 10 14.99 -18.02 -4.91
CA CYS B 10 13.54 -17.99 -4.92
C CYS B 10 13.06 -16.55 -5.18
N GLU B 11 12.31 -16.38 -6.26
CA GLU B 11 11.77 -15.08 -6.67
C GLU B 11 10.98 -14.39 -5.55
N GLN B 12 10.11 -15.15 -4.89
CA GLN B 12 9.33 -14.61 -3.78
C GLN B 12 9.85 -15.15 -2.44
N PHE B 13 9.37 -16.31 -1.99
CA PHE B 13 9.69 -16.82 -0.64
C PHE B 13 10.56 -18.09 -0.67
N CYS B 14 11.42 -18.23 0.33
CA CYS B 14 12.33 -19.36 0.48
C CYS B 14 12.26 -19.90 1.91
N LYS B 15 12.24 -21.21 2.08
CA LYS B 15 12.29 -21.86 3.39
C LYS B 15 13.33 -22.98 3.34
N ASN B 16 14.24 -23.03 4.32
CA ASN B 16 15.25 -24.09 4.38
C ASN B 16 14.60 -25.47 4.59
N SER B 17 14.93 -26.43 3.73
CA SER B 17 14.54 -27.82 3.95
C SER B 17 15.58 -28.44 4.89
N ALA B 18 15.27 -29.61 5.43
CA ALA B 18 16.22 -30.31 6.30
C ALA B 18 17.32 -31.03 5.52
N ASP B 19 17.06 -31.34 4.24
CA ASP B 19 18.04 -32.03 3.37
C ASP B 19 19.13 -31.09 2.83
N ASN B 20 19.35 -29.96 3.51
CA ASN B 20 20.29 -28.92 3.08
C ASN B 20 19.92 -28.31 1.73
N LYS B 21 18.61 -28.13 1.51
CA LYS B 21 18.09 -27.60 0.26
C LYS B 21 17.08 -26.48 0.50
N VAL B 22 16.59 -25.89 -0.60
CA VAL B 22 15.63 -24.80 -0.56
C VAL B 22 14.32 -25.26 -1.16
N VAL B 23 13.22 -25.05 -0.46
CA VAL B 23 11.89 -25.13 -1.04
C VAL B 23 11.40 -23.70 -1.25
N CYS B 24 11.21 -23.30 -2.51
CA CYS B 24 10.65 -21.99 -2.83
C CYS B 24 9.14 -22.07 -2.86
N SER B 25 8.51 -20.90 -2.79
CA SER B 25 7.07 -20.83 -2.72
C SER B 25 6.63 -19.42 -3.02
N CYS B 26 5.35 -19.28 -3.30
CA CYS B 26 4.78 -18.03 -3.78
C CYS B 26 3.68 -17.54 -2.88
N THR B 27 3.22 -16.33 -3.17
CA THR B 27 2.08 -15.74 -2.50
C THR B 27 0.79 -16.23 -3.16
N GLU B 28 -0.35 -15.95 -2.52
CA GLU B 28 -1.66 -16.36 -3.03
C GLU B 28 -1.93 -15.77 -4.40
N GLY B 29 -2.45 -16.61 -5.29
CA GLY B 29 -2.65 -16.26 -6.70
C GLY B 29 -1.55 -16.80 -7.60
N TYR B 30 -0.44 -17.25 -7.00
CA TYR B 30 0.75 -17.69 -7.75
C TYR B 30 1.09 -19.13 -7.49
N ARG B 31 1.75 -19.76 -8.46
CA ARG B 31 2.20 -21.14 -8.35
C ARG B 31 3.66 -21.18 -8.71
N LEU B 32 4.39 -22.14 -8.15
CA LEU B 32 5.79 -22.28 -8.46
C LEU B 32 5.91 -22.71 -9.93
N ALA B 33 6.70 -21.96 -10.69
CA ALA B 33 6.98 -22.29 -12.10
C ALA B 33 7.77 -23.60 -12.18
N GLU B 34 7.82 -24.24 -13.36
CA GLU B 34 8.55 -25.53 -13.47
C GLU B 34 10.06 -25.38 -13.25
N ASN B 35 10.51 -24.14 -13.37
CA ASN B 35 11.74 -23.60 -12.78
C ASN B 35 12.02 -24.01 -11.32
N GLN B 36 10.96 -24.14 -10.51
CA GLN B 36 11.04 -24.33 -9.05
C GLN B 36 11.64 -23.11 -8.33
N LYS B 37 11.49 -21.94 -8.94
CA LYS B 37 12.15 -20.73 -8.47
C LYS B 37 11.27 -19.50 -8.69
N SER B 38 10.85 -19.30 -9.94
CA SER B 38 9.91 -18.24 -10.29
C SER B 38 8.51 -18.53 -9.80
N CYS B 39 7.69 -17.49 -9.80
CA CYS B 39 6.27 -17.58 -9.43
C CYS B 39 5.42 -17.12 -10.60
N GLU B 40 4.55 -18.01 -11.07
CA GLU B 40 3.70 -17.70 -12.22
C GLU B 40 2.23 -17.67 -11.80
N PRO B 41 1.43 -16.80 -12.47
CA PRO B 41 0.00 -16.70 -12.19
C PRO B 41 -0.72 -18.04 -12.17
N ALA B 42 -1.52 -18.27 -11.13
CA ALA B 42 -2.41 -19.42 -11.01
C ALA B 42 -3.88 -18.98 -10.97
N VAL B 43 -4.13 -17.70 -11.25
CA VAL B 43 -5.47 -17.13 -11.27
C VAL B 43 -5.51 -16.03 -12.34
N PRO B 44 -6.71 -15.67 -12.85
CA PRO B 44 -6.75 -14.73 -13.98
C PRO B 44 -6.12 -13.37 -13.69
N PHE B 45 -6.39 -12.82 -12.52
CA PHE B 45 -5.83 -11.52 -12.11
C PHE B 45 -5.22 -11.64 -10.72
N PRO B 46 -3.98 -12.12 -10.63
CA PRO B 46 -3.28 -12.22 -9.34
C PRO B 46 -2.77 -10.88 -8.83
N CYS B 47 -2.61 -10.78 -7.51
CA CYS B 47 -2.21 -9.54 -6.85
C CYS B 47 -0.88 -9.02 -7.32
N GLY B 48 -0.72 -7.70 -7.22
CA GLY B 48 0.57 -7.06 -7.43
C GLY B 48 1.17 -7.13 -8.83
N ARG B 49 0.33 -7.39 -9.85
CA ARG B 49 0.80 -7.41 -11.24
C ARG B 49 0.08 -6.41 -12.14
N VAL B 50 0.87 -5.67 -12.90
CA VAL B 50 0.39 -4.81 -13.98
C VAL B 50 0.16 -5.69 -15.23
N SER B 51 -1.06 -5.72 -15.72
CA SER B 51 -1.40 -6.58 -16.86
C SER B 51 -2.04 -5.80 -18.00
N VAL B 52 -1.99 -4.47 -17.93
CA VAL B 52 -2.33 -3.60 -19.05
C VAL B 52 -0.97 -3.28 -19.68
N SER B 53 -0.67 -3.88 -20.84
CA SER B 53 0.69 -3.79 -21.40
C SER B 53 1.11 -2.32 -21.59
N GLN B 54 2.21 -1.95 -20.93
CA GLN B 54 2.64 -0.56 -20.79
C GLN B 54 3.33 -0.06 -22.05
CA CA C . -12.28 8.25 -14.24
C1 IZX D . 0.49 14.62 5.26
C2 IZX D . 0.09 13.34 4.92
C3 IZX D . -0.42 15.53 5.77
C4 IZX D . -1.21 12.91 5.09
C5 IZX D . -1.75 15.12 5.95
C6 IZX D . -2.14 13.82 5.61
C7 IZX D . 1.84 14.83 5.01
C8 IZX D . 2.44 13.70 4.49
S9 IZX D . 1.34 12.52 4.36
C10 IZX D . 3.85 13.55 4.11
N11 IZX D . 4.68 14.56 4.11
N12 IZX D . 4.30 12.29 3.75
O13 IZX D . 0.04 16.78 6.09
C14 IZX D . -0.60 17.87 6.74
C15 IZX D . -0.90 18.95 5.72
C16 IZX D . -2.15 19.56 5.66
C17 IZX D . 0.08 19.30 4.81
C18 IZX D . -2.40 20.53 4.70
C19 IZX D . -0.16 20.27 3.85
C20 IZX D . -1.41 20.88 3.79
C21 IZX D . 0.30 18.28 7.89
O22 IZX D . 1.11 19.19 7.95
N23 IZX D . 1.67 19.18 9.06
N24 IZX D . 0.28 17.56 9.01
C25 IZX D . 1.17 18.16 9.77
C26 IZX D . 1.50 17.71 11.16
C27 IZX D . 1.07 16.46 11.62
C28 IZX D . 2.22 18.54 11.99
C29 IZX D . 1.36 16.04 12.91
C30 IZX D . 2.51 18.11 13.29
C31 IZX D . 2.08 16.88 13.74
#